data_6T85
#
_entry.id   6T85
#
_cell.length_a   41.839
_cell.length_b   95.762
_cell.length_c   63.200
_cell.angle_alpha   90.000
_cell.angle_beta   91.040
_cell.angle_gamma   90.000
#
_symmetry.space_group_name_H-M   'P 1 21 1'
#
loop_
_entity.id
_entity.type
_entity.pdbx_description
1 polymer 'Urocanate reductase'
2 non-polymer "ADENOSINE-5'-DIPHOSPHATE"
3 non-polymer 'CHLORIDE ION'
4 non-polymer GLYCEROL
5 water water
#
_entity_poly.entity_id   1
_entity_poly.type   'polypeptide(L)'
_entity_poly.pdbx_seq_one_letter_code
;MEYTYDVVIIGSGGAGFSAGLEAIAAGRSAVIIEKMPIIGGNSLISGAEMNVAGSWVQKNMGITDSKELFISDTLKGGDF
KGDPEMVKTMVDNAVGAAEWLRDYVKVEFYPDQLFQFGGHSVKRALIPKGHTGAEVISKFSIKADEVGLPIHTNTKAEKL
IQDQTGRIVGVEAAHNGKTITYHAKRGVVIATGGFSSNMEMRKKYNPELDERYGSTGHAGGTGDGIVMAEKIHAAAKNMG
YIQSYPICSPTSGAIALIADSRFFGAVLINQKGERFVEELERRDVISHAILAQPGRYTYVLWNQDIENVAHTVEMHQGEL
KEFTKDGLMYKVDTLEEAAKVFNIPEDKLLSTIKDVNHYAATGKDEAFNHRSGLVDLSKGPYWILKATPSVHHTMGGLVV
DTRTRVLDEQGKVIPGLFAAGEVTGLTHGTNRLGGNAYTDIIVYGRIAGQEAAKHHHHHH
;
_entity_poly.pdbx_strand_id   A
#
loop_
_chem_comp.id
_chem_comp.type
_chem_comp.name
_chem_comp.formula
ADP non-polymer ADENOSINE-5'-DIPHOSPHATE 'C10 H15 N5 O10 P2'
CL non-polymer 'CHLORIDE ION' 'Cl -1'
GOL non-polymer GLYCEROL 'C3 H8 O3'
#
# COMPACT_ATOMS: atom_id res chain seq x y z
N MET A 1 -7.46 17.68 -30.74
CA MET A 1 -6.60 16.48 -30.85
C MET A 1 -7.33 15.26 -30.34
N GLU A 2 -7.17 14.14 -31.05
CA GLU A 2 -7.79 12.88 -30.69
CA GLU A 2 -7.76 12.88 -30.64
C GLU A 2 -6.82 11.74 -30.94
N TYR A 3 -6.99 10.67 -30.19
CA TYR A 3 -6.27 9.43 -30.33
C TYR A 3 -7.29 8.30 -30.26
N THR A 4 -6.95 7.17 -30.88
CA THR A 4 -7.73 5.95 -30.78
C THR A 4 -6.82 4.78 -30.39
N TYR A 5 -7.24 4.06 -29.36
CA TYR A 5 -6.56 2.84 -28.94
C TYR A 5 -7.61 1.81 -28.58
N ASP A 6 -7.22 0.54 -28.52
CA ASP A 6 -8.16 -0.47 -28.03
C ASP A 6 -8.45 -0.26 -26.55
N VAL A 7 -7.41 -0.09 -25.74
CA VAL A 7 -7.56 0.00 -24.29
C VAL A 7 -6.93 1.31 -23.84
N VAL A 8 -7.71 2.14 -23.16
CA VAL A 8 -7.22 3.39 -22.57
C VAL A 8 -7.18 3.19 -21.06
N ILE A 9 -5.97 3.26 -20.50
CA ILE A 9 -5.74 3.05 -19.08
CA ILE A 9 -5.76 3.07 -19.07
C ILE A 9 -5.49 4.41 -18.43
N ILE A 10 -6.19 4.71 -17.35
CA ILE A 10 -6.06 5.98 -16.64
C ILE A 10 -5.26 5.73 -15.37
N GLY A 11 -4.01 6.19 -15.35
CA GLY A 11 -3.14 6.07 -14.19
C GLY A 11 -1.94 5.17 -14.41
N SER A 12 -0.77 5.61 -13.93
CA SER A 12 0.51 4.93 -14.13
C SER A 12 1.14 4.42 -12.83
N GLY A 13 0.32 3.94 -11.90
CA GLY A 13 0.78 3.16 -10.77
C GLY A 13 0.86 1.69 -11.13
N GLY A 14 0.96 0.85 -10.11
CA GLY A 14 1.07 -0.58 -10.38
C GLY A 14 -0.14 -1.16 -11.08
N ALA A 15 -1.35 -0.68 -10.73
CA ALA A 15 -2.55 -1.22 -11.39
C ALA A 15 -2.55 -0.88 -12.86
N GLY A 16 -2.28 0.39 -13.19
CA GLY A 16 -2.34 0.81 -14.59
C GLY A 16 -1.25 0.20 -15.45
N PHE A 17 -0.02 0.12 -14.90
CA PHE A 17 1.04 -0.55 -15.66
C PHE A 17 0.71 -2.01 -15.90
N SER A 18 0.14 -2.69 -14.91
CA SER A 18 -0.19 -4.10 -15.06
C SER A 18 -1.26 -4.27 -16.15
N ALA A 19 -2.27 -3.42 -16.13
CA ALA A 19 -3.31 -3.47 -17.16
C ALA A 19 -2.73 -3.19 -18.53
N GLY A 20 -1.88 -2.17 -18.63
CA GLY A 20 -1.33 -1.81 -19.92
C GLY A 20 -0.49 -2.92 -20.51
N LEU A 21 0.40 -3.51 -19.72
CA LEU A 21 1.23 -4.60 -20.24
C LEU A 21 0.38 -5.77 -20.68
N GLU A 22 -0.67 -6.11 -19.92
CA GLU A 22 -1.52 -7.22 -20.34
C GLU A 22 -2.27 -6.90 -21.62
N ALA A 23 -2.73 -5.66 -21.78
CA ALA A 23 -3.43 -5.30 -23.02
C ALA A 23 -2.51 -5.49 -24.23
N ILE A 24 -1.26 -5.01 -24.13
CA ILE A 24 -0.30 -5.16 -25.21
C ILE A 24 0.02 -6.63 -25.43
N ALA A 25 0.14 -7.42 -24.35
CA ALA A 25 0.47 -8.84 -24.49
C ALA A 25 -0.62 -9.62 -25.23
N ALA A 26 -1.87 -9.13 -25.18
CA ALA A 26 -2.97 -9.71 -25.92
C ALA A 26 -3.01 -9.24 -27.36
N GLY A 27 -2.06 -8.44 -27.78
CA GLY A 27 -2.00 -7.96 -29.15
C GLY A 27 -2.77 -6.69 -29.41
N ARG A 28 -3.31 -6.04 -28.38
CA ARG A 28 -4.13 -4.86 -28.54
C ARG A 28 -3.26 -3.62 -28.45
N SER A 29 -3.74 -2.53 -29.05
CA SER A 29 -3.12 -1.24 -28.80
C SER A 29 -3.63 -0.67 -27.48
N ALA A 30 -2.80 0.13 -26.83
CA ALA A 30 -3.13 0.68 -25.53
C ALA A 30 -2.33 1.93 -25.29
N VAL A 31 -2.81 2.72 -24.33
CA VAL A 31 -2.11 3.89 -23.83
C VAL A 31 -2.38 3.97 -22.35
N ILE A 32 -1.41 4.52 -21.61
CA ILE A 32 -1.64 4.98 -20.25
C ILE A 32 -1.65 6.49 -20.26
N ILE A 33 -2.73 7.10 -19.75
CA ILE A 33 -2.76 8.54 -19.52
C ILE A 33 -2.54 8.81 -18.04
N GLU A 34 -1.66 9.74 -17.75
CA GLU A 34 -1.23 10.07 -16.39
C GLU A 34 -1.32 11.58 -16.18
N LYS A 35 -2.05 11.96 -15.13
CA LYS A 35 -2.29 13.36 -14.81
C LYS A 35 -1.04 14.12 -14.43
N MET A 36 -0.15 13.50 -13.67
CA MET A 36 1.04 14.17 -13.18
C MET A 36 2.11 14.22 -14.26
N PRO A 37 3.17 15.03 -14.06
CA PRO A 37 4.26 15.06 -15.02
C PRO A 37 5.08 13.79 -15.06
N ILE A 38 5.09 13.05 -13.96
N ILE A 38 5.11 13.05 -13.98
CA ILE A 38 5.91 11.86 -13.75
CA ILE A 38 5.90 11.83 -13.89
C ILE A 38 4.98 10.67 -13.46
C ILE A 38 5.03 10.67 -13.42
N ILE A 39 5.43 9.47 -13.83
CA ILE A 39 4.70 8.24 -13.56
C ILE A 39 4.88 7.76 -12.12
N GLY A 40 4.03 6.82 -11.73
CA GLY A 40 4.29 5.95 -10.60
C GLY A 40 3.31 6.04 -9.43
N GLY A 41 2.73 7.22 -9.20
CA GLY A 41 1.69 7.32 -8.19
C GLY A 41 2.15 6.95 -6.78
N ASN A 42 1.17 6.53 -5.97
CA ASN A 42 1.47 5.99 -4.65
C ASN A 42 2.34 4.75 -4.75
N SER A 43 2.18 3.98 -5.84
CA SER A 43 2.93 2.74 -6.00
C SER A 43 4.44 2.98 -6.01
N LEU A 44 4.87 4.15 -6.48
CA LEU A 44 6.29 4.50 -6.48
C LEU A 44 6.83 4.76 -5.08
N ILE A 45 6.08 5.53 -4.28
CA ILE A 45 6.57 5.99 -2.99
C ILE A 45 6.33 4.98 -1.86
N SER A 46 5.40 4.05 -2.05
CA SER A 46 5.14 2.95 -1.13
C SER A 46 6.42 2.15 -0.88
N GLY A 47 6.47 1.47 0.27
CA GLY A 47 7.51 0.46 0.48
C GLY A 47 7.47 -0.65 -0.55
N ALA A 48 6.28 -0.96 -1.07
CA ALA A 48 6.07 -1.82 -2.22
C ALA A 48 6.33 -3.31 -1.95
N GLU A 49 6.34 -3.71 -0.68
CA GLU A 49 6.30 -5.13 -0.37
C GLU A 49 4.92 -5.70 -0.75
N MET A 50 4.90 -6.99 -1.06
CA MET A 50 3.74 -7.61 -1.69
C MET A 50 3.46 -8.97 -1.08
N ASN A 51 2.29 -9.12 -0.48
CA ASN A 51 1.96 -10.40 0.17
C ASN A 51 1.60 -11.50 -0.81
N VAL A 52 2.16 -12.69 -0.56
CA VAL A 52 1.92 -13.88 -1.36
C VAL A 52 1.97 -15.09 -0.42
N ALA A 53 0.93 -15.90 -0.39
CA ALA A 53 0.99 -17.19 0.29
C ALA A 53 1.43 -18.26 -0.70
N GLY A 54 2.55 -18.89 -0.41
CA GLY A 54 3.13 -19.91 -1.25
C GLY A 54 4.19 -19.43 -2.21
N SER A 55 4.99 -18.44 -1.83
CA SER A 55 5.99 -17.89 -2.73
C SER A 55 7.28 -18.70 -2.71
N TRP A 56 8.08 -18.46 -3.74
CA TRP A 56 9.42 -19.05 -3.82
C TRP A 56 10.29 -18.63 -2.66
N VAL A 57 10.10 -17.42 -2.14
CA VAL A 57 10.89 -16.95 -1.00
C VAL A 57 10.50 -17.68 0.28
N GLN A 58 9.20 -17.88 0.52
CA GLN A 58 8.78 -18.68 1.67
C GLN A 58 9.37 -20.08 1.59
N LYS A 59 9.39 -20.68 0.39
CA LYS A 59 10.01 -21.99 0.24
C LYS A 59 11.49 -21.94 0.59
N ASN A 60 12.23 -20.93 0.07
CA ASN A 60 13.64 -20.77 0.41
C ASN A 60 13.87 -20.69 1.91
N MET A 61 12.98 -19.99 2.62
CA MET A 61 13.11 -19.71 4.04
C MET A 61 12.48 -20.78 4.92
N GLY A 62 11.82 -21.78 4.33
CA GLY A 62 11.17 -22.82 5.11
C GLY A 62 9.94 -22.37 5.86
N ILE A 63 9.23 -21.39 5.32
CA ILE A 63 8.04 -20.84 5.97
C ILE A 63 6.80 -21.45 5.34
N THR A 64 5.94 -22.03 6.16
CA THR A 64 4.69 -22.61 5.69
CA THR A 64 4.69 -22.61 5.69
C THR A 64 3.57 -21.58 5.73
N ASP A 65 2.79 -21.50 4.66
CA ASP A 65 1.67 -20.58 4.56
C ASP A 65 0.60 -21.30 3.77
N SER A 66 -0.59 -20.70 3.74
CA SER A 66 -1.68 -21.24 2.94
C SER A 66 -2.56 -20.11 2.45
N LYS A 67 -3.21 -20.35 1.32
CA LYS A 67 -4.19 -19.38 0.83
C LYS A 67 -5.29 -19.18 1.86
N GLU A 68 -5.74 -20.24 2.53
CA GLU A 68 -6.80 -20.13 3.52
CA GLU A 68 -6.79 -20.13 3.52
C GLU A 68 -6.40 -19.15 4.63
N LEU A 69 -5.16 -19.26 5.12
CA LEU A 69 -4.70 -18.39 6.19
C LEU A 69 -4.57 -16.94 5.73
N PHE A 70 -4.08 -16.72 4.50
CA PHE A 70 -3.95 -15.39 3.94
C PHE A 70 -5.32 -14.74 3.77
N ILE A 71 -6.29 -15.50 3.24
CA ILE A 71 -7.66 -15.00 3.13
C ILE A 71 -8.23 -14.65 4.50
N SER A 72 -8.07 -15.54 5.47
CA SER A 72 -8.64 -15.29 6.80
CA SER A 72 -8.65 -15.28 6.79
C SER A 72 -8.00 -14.07 7.46
N ASP A 73 -6.67 -13.97 7.39
CA ASP A 73 -5.98 -12.82 7.97
C ASP A 73 -6.53 -11.53 7.36
N THR A 74 -6.68 -11.52 6.04
CA THR A 74 -7.14 -10.34 5.34
C THR A 74 -8.56 -9.96 5.74
N LEU A 75 -9.47 -10.92 5.67
CA LEU A 75 -10.86 -10.60 5.97
C LEU A 75 -11.05 -10.18 7.42
N LYS A 76 -10.40 -10.88 8.35
CA LYS A 76 -10.52 -10.50 9.76
C LYS A 76 -9.94 -9.11 9.98
N GLY A 77 -8.86 -8.78 9.29
CA GLY A 77 -8.18 -7.52 9.48
C GLY A 77 -9.00 -6.32 9.08
N GLY A 78 -10.00 -6.50 8.21
CA GLY A 78 -10.94 -5.46 7.82
C GLY A 78 -12.33 -5.64 8.40
N ASP A 79 -12.42 -6.32 9.52
CA ASP A 79 -13.68 -6.52 10.25
C ASP A 79 -14.71 -7.23 9.40
N PHE A 80 -14.24 -8.10 8.52
CA PHE A 80 -15.13 -8.92 7.68
C PHE A 80 -16.04 -8.08 6.81
N LYS A 81 -15.62 -6.85 6.49
CA LYS A 81 -16.35 -6.00 5.56
C LYS A 81 -15.82 -6.06 4.14
N GLY A 82 -14.66 -6.66 3.92
CA GLY A 82 -14.17 -6.88 2.57
C GLY A 82 -15.03 -7.88 1.83
N ASP A 83 -15.06 -7.76 0.51
CA ASP A 83 -15.82 -8.72 -0.27
C ASP A 83 -15.07 -10.03 -0.30
N PRO A 84 -15.68 -11.14 0.16
CA PRO A 84 -14.93 -12.39 0.24
C PRO A 84 -14.44 -12.89 -1.09
N GLU A 85 -15.20 -12.68 -2.16
CA GLU A 85 -14.78 -13.13 -3.47
C GLU A 85 -13.62 -12.31 -3.99
N MET A 86 -13.63 -10.99 -3.73
N MET A 86 -13.63 -11.00 -3.72
CA MET A 86 -12.50 -10.15 -4.12
CA MET A 86 -12.50 -10.16 -4.12
C MET A 86 -11.22 -10.56 -3.38
C MET A 86 -11.23 -10.59 -3.40
N VAL A 87 -11.33 -10.87 -2.09
CA VAL A 87 -10.17 -11.31 -1.35
C VAL A 87 -9.69 -12.67 -1.86
N LYS A 88 -10.62 -13.60 -2.10
CA LYS A 88 -10.23 -14.92 -2.59
C LYS A 88 -9.48 -14.81 -3.91
N THR A 89 -10.02 -14.02 -4.84
CA THR A 89 -9.38 -13.91 -6.15
C THR A 89 -8.01 -13.23 -6.03
N MET A 90 -7.88 -12.26 -5.14
CA MET A 90 -6.57 -11.65 -4.88
CA MET A 90 -6.57 -11.65 -4.89
C MET A 90 -5.58 -12.72 -4.43
N VAL A 91 -5.97 -13.51 -3.43
CA VAL A 91 -5.06 -14.51 -2.88
C VAL A 91 -4.77 -15.61 -3.88
N ASP A 92 -5.79 -16.04 -4.63
CA ASP A 92 -5.61 -17.12 -5.59
C ASP A 92 -4.65 -16.75 -6.71
N ASN A 93 -4.53 -15.47 -7.03
CA ASN A 93 -3.70 -15.02 -8.14
CA ASN A 93 -3.71 -15.00 -8.15
C ASN A 93 -2.39 -14.39 -7.68
N ALA A 94 -2.12 -14.35 -6.38
CA ALA A 94 -0.95 -13.65 -5.85
C ALA A 94 0.36 -14.27 -6.33
N VAL A 95 0.48 -15.60 -6.31
CA VAL A 95 1.72 -16.24 -6.73
C VAL A 95 1.99 -15.91 -8.20
N GLY A 96 0.96 -16.04 -9.04
CA GLY A 96 1.13 -15.75 -10.44
C GLY A 96 1.51 -14.29 -10.68
N ALA A 97 0.90 -13.39 -9.92
CA ALA A 97 1.22 -11.97 -10.05
C ALA A 97 2.68 -11.69 -9.71
N ALA A 98 3.15 -12.25 -8.59
CA ALA A 98 4.54 -12.01 -8.18
C ALA A 98 5.53 -12.65 -9.14
N GLU A 99 5.23 -13.87 -9.60
CA GLU A 99 6.12 -14.52 -10.56
C GLU A 99 6.15 -13.75 -11.87
N TRP A 100 5.01 -13.15 -12.24
CA TRP A 100 4.98 -12.30 -13.43
C TRP A 100 5.82 -11.05 -13.27
N LEU A 101 5.74 -10.41 -12.11
CA LEU A 101 6.65 -9.28 -11.88
C LEU A 101 8.11 -9.72 -11.99
N ARG A 102 8.43 -10.87 -11.43
CA ARG A 102 9.81 -11.36 -11.44
C ARG A 102 10.26 -11.71 -12.86
N ASP A 103 9.45 -12.48 -13.59
CA ASP A 103 9.92 -13.08 -14.83
C ASP A 103 9.61 -12.26 -16.07
N TYR A 104 8.50 -11.51 -16.06
CA TYR A 104 8.09 -10.70 -17.20
C TYR A 104 8.55 -9.26 -17.07
N VAL A 105 8.30 -8.65 -15.90
CA VAL A 105 8.67 -7.26 -15.67
C VAL A 105 10.13 -7.14 -15.22
N LYS A 106 10.73 -8.23 -14.71
CA LYS A 106 12.13 -8.27 -14.28
CA LYS A 106 12.12 -8.28 -14.26
C LYS A 106 12.34 -7.53 -12.95
N VAL A 107 11.31 -7.43 -12.12
CA VAL A 107 11.47 -6.90 -10.76
C VAL A 107 12.33 -7.84 -9.95
N GLU A 108 13.27 -7.26 -9.19
CA GLU A 108 14.14 -8.02 -8.31
C GLU A 108 13.59 -7.98 -6.89
N PHE A 109 13.32 -9.15 -6.33
CA PHE A 109 12.93 -9.30 -4.94
C PHE A 109 14.04 -10.00 -4.17
N TYR A 110 14.19 -9.67 -2.90
CA TYR A 110 15.19 -10.37 -2.10
C TYR A 110 14.80 -11.84 -1.96
N PRO A 111 15.77 -12.77 -2.09
CA PRO A 111 15.40 -14.20 -2.12
C PRO A 111 15.23 -14.82 -0.74
N ASP A 112 15.62 -14.13 0.33
CA ASP A 112 15.71 -14.81 1.63
CA ASP A 112 15.83 -14.75 1.62
C ASP A 112 15.30 -13.89 2.77
N GLN A 113 14.39 -12.95 2.48
N GLN A 113 14.37 -12.98 2.50
CA GLN A 113 13.85 -12.01 3.47
CA GLN A 113 13.75 -12.27 3.60
C GLN A 113 12.36 -11.80 3.14
C GLN A 113 12.37 -11.82 3.18
N LEU A 114 11.51 -11.65 4.17
CA LEU A 114 10.11 -11.30 3.96
C LEU A 114 9.68 -10.40 5.11
N PHE A 115 8.68 -9.55 4.86
CA PHE A 115 8.02 -8.83 5.94
C PHE A 115 6.78 -9.58 6.42
N GLN A 116 6.56 -9.54 7.73
CA GLN A 116 5.29 -9.88 8.37
C GLN A 116 4.65 -8.56 8.81
N PHE A 117 3.71 -8.04 8.01
CA PHE A 117 3.04 -6.80 8.38
C PHE A 117 2.04 -7.04 9.50
N GLY A 118 1.58 -5.94 10.11
CA GLY A 118 0.59 -6.07 11.16
C GLY A 118 -0.63 -6.83 10.67
N GLY A 119 -1.19 -7.68 11.53
CA GLY A 119 -2.39 -8.43 11.19
C GLY A 119 -2.15 -9.70 10.40
N HIS A 120 -0.91 -10.00 10.02
CA HIS A 120 -0.59 -11.22 9.31
C HIS A 120 -0.06 -12.29 10.27
N SER A 121 -0.44 -13.54 10.01
CA SER A 121 -0.07 -14.64 10.88
C SER A 121 1.30 -15.22 10.60
N VAL A 122 1.88 -14.97 9.44
CA VAL A 122 3.22 -15.44 9.10
C VAL A 122 3.87 -14.38 8.22
N LYS A 123 5.20 -14.46 8.08
CA LYS A 123 5.91 -13.64 7.10
CA LYS A 123 5.90 -13.63 7.10
C LYS A 123 5.47 -14.03 5.70
N ARG A 124 4.97 -13.06 4.93
CA ARG A 124 4.55 -13.38 3.57
C ARG A 124 4.76 -12.26 2.57
N ALA A 125 5.35 -11.12 2.93
CA ALA A 125 5.49 -10.03 1.97
C ALA A 125 6.88 -10.05 1.33
N LEU A 126 6.89 -10.30 0.03
CA LEU A 126 8.07 -10.13 -0.80
C LEU A 126 8.56 -8.71 -0.77
N ILE A 127 9.88 -8.54 -0.81
CA ILE A 127 10.53 -7.25 -0.66
C ILE A 127 11.23 -6.87 -1.96
N PRO A 128 10.82 -5.80 -2.64
CA PRO A 128 11.57 -5.38 -3.83
C PRO A 128 12.90 -4.76 -3.44
N LYS A 129 13.86 -4.85 -4.36
CA LYS A 129 15.14 -4.19 -4.19
C LYS A 129 14.94 -2.76 -3.72
N GLY A 130 15.68 -2.39 -2.66
CA GLY A 130 15.62 -1.03 -2.16
C GLY A 130 14.51 -0.73 -1.17
N HIS A 131 13.57 -1.65 -0.97
CA HIS A 131 12.48 -1.46 0.00
C HIS A 131 11.64 -0.22 -0.35
N THR A 132 11.49 0.06 -1.64
CA THR A 132 10.52 1.05 -2.11
C THR A 132 10.00 0.62 -3.47
N GLY A 133 8.99 1.34 -3.95
CA GLY A 133 8.46 1.13 -5.29
C GLY A 133 9.31 1.65 -6.41
N ALA A 134 10.44 2.31 -6.12
CA ALA A 134 11.28 2.79 -7.21
C ALA A 134 11.70 1.65 -8.13
N GLU A 135 12.12 0.52 -7.57
CA GLU A 135 12.48 -0.64 -8.38
C GLU A 135 11.34 -1.10 -9.26
N VAL A 136 10.13 -1.20 -8.70
CA VAL A 136 8.99 -1.74 -9.43
C VAL A 136 8.61 -0.81 -10.58
N ILE A 137 8.42 0.47 -10.28
CA ILE A 137 8.01 1.41 -11.32
C ILE A 137 9.09 1.58 -12.38
N SER A 138 10.37 1.60 -11.99
CA SER A 138 11.42 1.71 -12.99
CA SER A 138 11.42 1.71 -12.99
C SER A 138 11.38 0.52 -13.95
N LYS A 139 11.23 -0.69 -13.41
CA LYS A 139 11.18 -1.87 -14.27
C LYS A 139 9.94 -1.86 -15.15
N PHE A 140 8.78 -1.46 -14.61
CA PHE A 140 7.59 -1.30 -15.43
C PHE A 140 7.82 -0.34 -16.58
N SER A 141 8.45 0.81 -16.29
CA SER A 141 8.66 1.84 -17.31
CA SER A 141 8.63 1.82 -17.32
C SER A 141 9.53 1.31 -18.44
N ILE A 142 10.58 0.57 -18.08
CA ILE A 142 11.48 -0.02 -19.09
C ILE A 142 10.71 -1.02 -19.95
N LYS A 143 9.92 -1.88 -19.31
CA LYS A 143 9.18 -2.89 -20.05
C LYS A 143 8.13 -2.25 -20.96
N ALA A 144 7.44 -1.21 -20.48
CA ALA A 144 6.48 -0.50 -21.31
C ALA A 144 7.14 0.09 -22.55
N ASP A 145 8.31 0.71 -22.38
CA ASP A 145 9.01 1.26 -23.53
C ASP A 145 9.40 0.14 -24.50
N GLU A 146 9.86 -0.98 -23.97
CA GLU A 146 10.28 -2.09 -24.82
CA GLU A 146 10.27 -2.10 -24.80
C GLU A 146 9.12 -2.60 -25.67
N VAL A 147 7.93 -2.75 -25.08
CA VAL A 147 6.81 -3.31 -25.82
C VAL A 147 6.02 -2.29 -26.63
N GLY A 148 6.32 -1.00 -26.49
CA GLY A 148 5.67 0.00 -27.28
C GLY A 148 4.44 0.60 -26.67
N LEU A 149 4.26 0.52 -25.36
CA LEU A 149 3.12 1.10 -24.67
C LEU A 149 3.36 2.57 -24.40
N PRO A 150 2.66 3.49 -25.08
CA PRO A 150 2.88 4.92 -24.83
C PRO A 150 2.27 5.33 -23.51
N ILE A 151 2.93 6.28 -22.86
CA ILE A 151 2.46 6.90 -21.62
C ILE A 151 2.39 8.39 -21.88
N HIS A 152 1.20 8.96 -21.79
CA HIS A 152 0.97 10.38 -21.98
C HIS A 152 0.84 11.03 -20.62
N THR A 153 1.87 11.75 -20.20
CA THR A 153 1.85 12.44 -18.92
C THR A 153 1.22 13.83 -19.05
N ASN A 154 1.06 14.50 -17.92
CA ASN A 154 0.34 15.78 -17.89
C ASN A 154 -0.99 15.69 -18.63
N THR A 155 -1.69 14.56 -18.49
CA THR A 155 -2.93 14.29 -19.21
C THR A 155 -3.93 13.84 -18.17
N LYS A 156 -4.86 14.72 -17.84
CA LYS A 156 -5.81 14.50 -16.75
C LYS A 156 -7.15 14.06 -17.31
N ALA A 157 -7.53 12.81 -17.08
CA ALA A 157 -8.86 12.37 -17.46
C ALA A 157 -9.88 13.19 -16.70
N GLU A 158 -10.91 13.65 -17.41
CA GLU A 158 -11.98 14.46 -16.84
C GLU A 158 -13.37 13.91 -17.07
N LYS A 159 -13.60 13.15 -18.12
CA LYS A 159 -14.96 12.71 -18.43
C LYS A 159 -14.88 11.37 -19.15
N LEU A 160 -15.73 10.42 -18.74
CA LEU A 160 -15.91 9.18 -19.49
C LEU A 160 -16.95 9.41 -20.58
N ILE A 161 -16.66 8.96 -21.78
CA ILE A 161 -17.56 9.10 -22.92
C ILE A 161 -18.41 7.85 -23.03
N GLN A 162 -19.74 8.02 -23.04
CA GLN A 162 -20.66 6.91 -22.97
C GLN A 162 -21.59 7.00 -24.17
N ASP A 163 -21.80 5.87 -24.85
CA ASP A 163 -22.71 5.87 -25.99
C ASP A 163 -24.15 5.63 -25.53
N GLN A 164 -25.06 5.62 -26.49
CA GLN A 164 -26.49 5.58 -26.16
C GLN A 164 -26.89 4.26 -25.51
N THR A 165 -26.10 3.21 -25.67
CA THR A 165 -26.38 1.91 -25.07
C THR A 165 -25.86 1.82 -23.64
N GLY A 166 -25.12 2.82 -23.18
CA GLY A 166 -24.48 2.79 -21.87
C GLY A 166 -23.03 2.33 -21.88
N ARG A 167 -22.50 1.95 -23.03
CA ARG A 167 -21.11 1.49 -23.10
C ARG A 167 -20.17 2.68 -22.98
N ILE A 168 -19.08 2.50 -22.23
CA ILE A 168 -18.01 3.49 -22.21
C ILE A 168 -17.11 3.26 -23.41
N VAL A 169 -16.89 4.32 -24.19
CA VAL A 169 -16.23 4.26 -25.48
C VAL A 169 -15.07 5.25 -25.58
N GLY A 170 -14.69 5.88 -24.47
CA GLY A 170 -13.56 6.78 -24.51
C GLY A 170 -13.48 7.64 -23.27
N VAL A 171 -12.52 8.55 -23.31
CA VAL A 171 -12.20 9.44 -22.21
C VAL A 171 -11.83 10.80 -22.79
N GLU A 172 -12.39 11.87 -22.23
CA GLU A 172 -11.89 13.23 -22.50
C GLU A 172 -10.92 13.60 -21.40
N ALA A 173 -9.77 14.17 -21.79
CA ALA A 173 -8.71 14.52 -20.86
C ALA A 173 -8.19 15.92 -21.17
N ALA A 174 -7.66 16.57 -20.16
CA ALA A 174 -7.06 17.88 -20.30
C ALA A 174 -5.55 17.72 -20.40
N HIS A 175 -4.95 18.39 -21.39
CA HIS A 175 -3.50 18.40 -21.55
C HIS A 175 -3.09 19.80 -22.01
N ASN A 176 -2.28 20.49 -21.23
CA ASN A 176 -1.84 21.85 -21.59
C ASN A 176 -3.01 22.78 -21.79
N GLY A 177 -4.10 22.59 -21.04
CA GLY A 177 -5.23 23.50 -21.16
C GLY A 177 -6.17 23.20 -22.30
N LYS A 178 -5.99 22.07 -23.00
CA LYS A 178 -6.83 21.71 -24.12
C LYS A 178 -7.44 20.34 -23.85
N THR A 179 -8.63 20.10 -24.39
CA THR A 179 -9.28 18.80 -24.26
C THR A 179 -8.81 17.88 -25.38
N ILE A 180 -8.35 16.71 -25.00
CA ILE A 180 -7.97 15.67 -25.93
CA ILE A 180 -7.92 15.64 -25.88
C ILE A 180 -8.94 14.52 -25.75
N THR A 181 -9.43 13.99 -26.86
CA THR A 181 -10.34 12.85 -26.83
C THR A 181 -9.59 11.57 -27.12
N TYR A 182 -9.71 10.61 -26.20
CA TYR A 182 -9.18 9.26 -26.35
C TYR A 182 -10.34 8.32 -26.64
N HIS A 183 -10.42 7.82 -27.86
CA HIS A 183 -11.41 6.80 -28.21
C HIS A 183 -10.85 5.45 -27.78
N ALA A 184 -11.68 4.69 -27.08
CA ALA A 184 -11.32 3.37 -26.56
C ALA A 184 -12.21 2.34 -27.23
N LYS A 185 -11.64 1.56 -28.14
CA LYS A 185 -12.44 0.67 -28.96
CA LYS A 185 -12.44 0.67 -28.97
C LYS A 185 -12.82 -0.61 -28.25
N ARG A 186 -12.09 -1.00 -27.21
CA ARG A 186 -12.42 -2.19 -26.45
C ARG A 186 -12.70 -1.91 -24.98
N GLY A 187 -11.93 -1.04 -24.32
CA GLY A 187 -12.26 -0.73 -22.94
C GLY A 187 -11.46 0.42 -22.38
N VAL A 188 -12.01 0.96 -21.30
CA VAL A 188 -11.35 1.96 -20.46
C VAL A 188 -11.09 1.32 -19.10
N VAL A 189 -9.84 1.42 -18.61
CA VAL A 189 -9.47 0.95 -17.29
C VAL A 189 -9.19 2.14 -16.40
N ILE A 190 -9.97 2.27 -15.34
CA ILE A 190 -9.72 3.27 -14.31
C ILE A 190 -8.73 2.69 -13.31
N ALA A 191 -7.54 3.28 -13.24
CA ALA A 191 -6.47 2.82 -12.36
C ALA A 191 -5.84 4.03 -11.66
N THR A 192 -6.72 4.91 -11.15
CA THR A 192 -6.33 6.25 -10.70
C THR A 192 -5.91 6.33 -9.24
N GLY A 193 -5.93 5.23 -8.52
CA GLY A 193 -5.50 5.27 -7.13
C GLY A 193 -6.58 5.75 -6.17
N GLY A 194 -6.16 6.00 -4.93
CA GLY A 194 -7.08 6.40 -3.87
C GLY A 194 -7.33 7.90 -3.84
N PHE A 195 -8.01 8.35 -2.77
CA PHE A 195 -8.42 9.75 -2.69
C PHE A 195 -7.91 10.46 -1.44
N SER A 196 -6.89 9.93 -0.78
CA SER A 196 -6.45 10.50 0.48
C SER A 196 -5.83 11.88 0.34
N SER A 197 -5.41 12.29 -0.84
CA SER A 197 -4.84 13.62 -1.00
C SER A 197 -5.90 14.67 -1.29
N ASN A 198 -7.15 14.27 -1.45
CA ASN A 198 -8.25 15.22 -1.65
C ASN A 198 -8.83 15.55 -0.28
N MET A 199 -8.41 16.70 0.27
CA MET A 199 -8.80 17.04 1.63
C MET A 199 -10.30 17.30 1.76
N GLU A 200 -10.92 17.81 0.70
CA GLU A 200 -12.37 18.04 0.71
C GLU A 200 -13.14 16.73 0.72
N MET A 201 -12.70 15.75 -0.08
N MET A 201 -12.68 15.76 -0.06
CA MET A 201 -13.37 14.46 -0.08
CA MET A 201 -13.36 14.47 -0.11
C MET A 201 -13.20 13.73 1.24
C MET A 201 -13.16 13.69 1.19
N ARG A 202 -12.01 13.83 1.85
CA ARG A 202 -11.82 13.30 3.21
C ARG A 202 -12.92 13.80 4.14
N LYS A 203 -13.07 15.12 4.17
CA LYS A 203 -14.02 15.86 5.04
C LYS A 203 -15.45 15.39 4.75
N LYS A 204 -15.79 15.23 3.48
CA LYS A 204 -17.13 14.83 3.08
C LYS A 204 -17.46 13.45 3.62
N TYR A 205 -16.55 12.49 3.46
CA TYR A 205 -16.88 11.11 3.77
C TYR A 205 -16.54 10.70 5.19
N ASN A 206 -15.67 11.45 5.88
CA ASN A 206 -15.36 11.13 7.27
C ASN A 206 -15.09 12.43 8.01
N PRO A 207 -16.14 13.06 8.54
CA PRO A 207 -16.00 14.39 9.12
CA PRO A 207 -15.99 14.39 9.11
C PRO A 207 -15.20 14.42 10.40
N GLU A 208 -14.91 13.27 11.02
CA GLU A 208 -14.22 13.22 12.30
C GLU A 208 -12.75 12.80 12.19
N LEU A 209 -12.18 12.83 11.01
CA LEU A 209 -10.81 12.42 10.82
C LEU A 209 -9.82 13.35 11.53
N ASP A 210 -8.67 12.78 11.85
CA ASP A 210 -7.52 13.54 12.32
C ASP A 210 -7.19 14.66 11.35
N GLU A 211 -7.02 15.88 11.87
CA GLU A 211 -6.70 17.06 11.07
C GLU A 211 -5.38 17.69 11.48
N ARG A 212 -4.51 16.94 12.16
CA ARG A 212 -3.23 17.49 12.56
C ARG A 212 -2.30 17.74 11.39
N TYR A 213 -2.46 17.01 10.28
CA TYR A 213 -1.51 17.03 9.17
C TYR A 213 -2.23 17.18 7.83
N GLY A 214 -1.56 17.82 6.90
CA GLY A 214 -1.96 17.73 5.51
C GLY A 214 -1.60 16.37 4.92
N SER A 215 -1.86 16.24 3.64
CA SER A 215 -1.48 15.01 2.94
C SER A 215 0.02 14.97 2.71
N THR A 216 0.60 13.81 2.97
CA THR A 216 1.97 13.53 2.60
C THR A 216 2.05 12.30 1.71
N GLY A 217 0.94 11.93 1.10
CA GLY A 217 0.94 10.89 0.08
C GLY A 217 1.15 11.50 -1.29
N HIS A 218 0.80 10.73 -2.29
CA HIS A 218 1.00 11.14 -3.67
C HIS A 218 -0.06 12.18 -4.05
N ALA A 219 0.40 13.31 -4.59
CA ALA A 219 -0.49 14.44 -4.85
C ALA A 219 -1.54 14.16 -5.92
N GLY A 220 -1.36 13.13 -6.73
CA GLY A 220 -2.36 12.78 -7.73
C GLY A 220 -3.51 11.95 -7.20
N GLY A 221 -3.46 11.53 -5.95
CA GLY A 221 -4.48 10.64 -5.41
C GLY A 221 -5.65 11.41 -4.86
N THR A 222 -6.48 11.94 -5.76
CA THR A 222 -7.50 12.90 -5.41
C THR A 222 -8.92 12.42 -5.75
N GLY A 223 -9.11 11.15 -6.05
CA GLY A 223 -10.46 10.60 -6.22
C GLY A 223 -11.09 10.85 -7.57
N ASP A 224 -10.32 11.31 -8.55
CA ASP A 224 -10.92 11.70 -9.82
C ASP A 224 -11.64 10.52 -10.48
N GLY A 225 -11.09 9.31 -10.34
CA GLY A 225 -11.71 8.15 -10.97
C GLY A 225 -13.05 7.81 -10.37
N ILE A 226 -13.19 8.01 -9.08
CA ILE A 226 -14.49 7.82 -8.44
C ILE A 226 -15.48 8.85 -8.97
N VAL A 227 -15.08 10.12 -8.99
CA VAL A 227 -15.96 11.19 -9.44
C VAL A 227 -16.43 10.94 -10.88
N MET A 228 -15.48 10.64 -11.79
CA MET A 228 -15.89 10.51 -13.17
CA MET A 228 -15.83 10.45 -13.19
C MET A 228 -16.78 9.29 -13.37
N ALA A 229 -16.54 8.20 -12.65
CA ALA A 229 -17.36 7.02 -12.82
C ALA A 229 -18.73 7.21 -12.19
N GLU A 230 -18.79 7.85 -11.02
CA GLU A 230 -20.11 8.10 -10.44
C GLU A 230 -20.97 8.98 -11.34
N LYS A 231 -20.37 9.85 -12.14
CA LYS A 231 -21.17 10.65 -13.05
C LYS A 231 -21.91 9.80 -14.05
N ILE A 232 -21.39 8.63 -14.41
CA ILE A 232 -22.06 7.72 -15.32
C ILE A 232 -22.69 6.55 -14.56
N HIS A 233 -22.97 6.76 -13.27
CA HIS A 233 -23.80 5.90 -12.44
C HIS A 233 -23.07 4.68 -11.88
N ALA A 234 -21.74 4.69 -11.86
CA ALA A 234 -21.02 3.67 -11.12
C ALA A 234 -21.31 3.79 -9.64
N ALA A 235 -21.37 2.64 -8.98
CA ALA A 235 -21.51 2.61 -7.52
C ALA A 235 -20.15 2.74 -6.82
N ALA A 236 -20.20 3.28 -5.62
CA ALA A 236 -19.07 3.36 -4.71
C ALA A 236 -19.48 2.83 -3.34
N LYS A 237 -18.52 2.34 -2.56
CA LYS A 237 -18.80 1.75 -1.27
C LYS A 237 -17.64 2.03 -0.33
N ASN A 238 -17.93 1.98 0.97
CA ASN A 238 -16.92 1.99 2.02
C ASN A 238 -16.14 3.31 2.09
N MET A 239 -16.73 4.39 1.58
CA MET A 239 -16.00 5.64 1.40
C MET A 239 -15.59 6.28 2.72
N GLY A 240 -16.32 6.01 3.80
CA GLY A 240 -15.97 6.61 5.07
C GLY A 240 -14.81 5.96 5.80
N TYR A 241 -14.35 4.80 5.39
CA TYR A 241 -13.26 4.11 6.06
C TYR A 241 -11.95 4.66 5.53
N ILE A 242 -11.22 5.37 6.39
CA ILE A 242 -10.00 6.05 5.99
C ILE A 242 -8.95 5.79 7.07
N GLN A 243 -7.83 5.22 6.65
CA GLN A 243 -6.85 4.62 7.54
C GLN A 243 -5.69 5.54 7.82
N SER A 244 -5.25 5.54 9.08
CA SER A 244 -4.00 6.14 9.49
C SER A 244 -2.90 5.09 9.55
N TYR A 245 -1.73 5.45 9.03
CA TYR A 245 -0.54 4.65 9.25
C TYR A 245 0.04 5.04 10.62
N PRO A 246 0.38 4.08 11.49
CA PRO A 246 0.66 4.46 12.88
C PRO A 246 1.99 5.15 13.08
N ILE A 247 2.99 4.93 12.23
CA ILE A 247 4.38 5.34 12.52
C ILE A 247 4.81 6.35 11.46
N CYS A 248 4.50 7.61 11.74
CA CYS A 248 4.76 8.73 10.84
C CYS A 248 5.56 9.82 11.55
N SER A 249 6.17 10.68 10.75
CA SER A 249 6.91 11.81 11.29
C SER A 249 6.02 12.70 12.15
N PRO A 250 6.48 13.07 13.36
CA PRO A 250 5.71 14.02 14.16
C PRO A 250 5.58 15.39 13.56
N THR A 251 6.51 15.80 12.69
CA THR A 251 6.45 17.14 12.16
C THR A 251 5.66 17.23 10.86
N SER A 252 5.67 16.20 10.01
CA SER A 252 4.98 16.26 8.72
C SER A 252 3.85 15.26 8.56
N GLY A 253 3.83 14.17 9.31
CA GLY A 253 2.89 13.10 9.08
C GLY A 253 3.31 12.11 8.02
N ALA A 254 4.50 12.27 7.42
CA ALA A 254 4.94 11.33 6.40
C ALA A 254 5.25 9.95 6.99
N ILE A 255 4.96 8.90 6.23
CA ILE A 255 5.27 7.54 6.63
C ILE A 255 6.77 7.36 6.85
N ALA A 256 7.16 6.75 7.96
CA ALA A 256 8.56 6.48 8.27
C ALA A 256 8.91 5.02 7.93
N LEU A 257 9.42 4.80 6.73
CA LEU A 257 9.84 3.46 6.33
C LEU A 257 11.01 2.96 7.15
N ILE A 258 11.84 3.86 7.70
CA ILE A 258 12.97 3.39 8.50
C ILE A 258 12.48 2.57 9.68
N ALA A 259 11.27 2.83 10.15
CA ALA A 259 10.67 2.11 11.26
C ALA A 259 10.05 0.78 10.85
N ASP A 260 10.29 0.31 9.62
CA ASP A 260 9.89 -1.03 9.23
C ASP A 260 10.60 -2.10 10.06
N SER A 261 11.58 -1.70 10.88
CA SER A 261 12.11 -2.56 11.93
C SER A 261 11.01 -3.09 12.85
N ARG A 262 9.84 -2.42 12.90
CA ARG A 262 8.71 -2.92 13.66
C ARG A 262 8.31 -4.34 13.23
N PHE A 263 8.56 -4.70 11.97
CA PHE A 263 8.17 -6.04 11.49
C PHE A 263 9.22 -7.09 11.84
N PHE A 264 10.28 -6.69 12.54
CA PHE A 264 11.42 -7.53 12.85
C PHE A 264 11.81 -7.45 14.33
N GLY A 265 10.93 -6.94 15.20
CA GLY A 265 11.17 -6.96 16.63
C GLY A 265 11.31 -5.60 17.28
N ALA A 266 11.27 -4.50 16.55
CA ALA A 266 11.29 -3.21 17.23
C ALA A 266 10.08 -3.09 18.15
N VAL A 267 10.26 -2.39 19.27
CA VAL A 267 9.19 -2.21 20.25
C VAL A 267 8.70 -0.78 20.24
N LEU A 268 7.41 -0.63 20.55
CA LEU A 268 6.80 0.68 20.72
C LEU A 268 6.78 1.01 22.20
N ILE A 269 7.39 2.13 22.56
CA ILE A 269 7.58 2.57 23.93
C ILE A 269 6.96 3.96 24.09
N ASN A 270 6.09 4.13 25.07
CA ASN A 270 5.50 5.45 25.30
C ASN A 270 6.44 6.32 26.13
N GLN A 271 6.02 7.56 26.38
CA GLN A 271 6.86 8.51 27.11
C GLN A 271 7.16 8.05 28.53
N LYS A 272 6.32 7.19 29.10
CA LYS A 272 6.54 6.63 30.42
C LYS A 272 7.54 5.49 30.45
N GLY A 273 8.00 5.02 29.29
CA GLY A 273 8.91 3.90 29.23
C GLY A 273 8.26 2.54 29.18
N GLU A 274 6.99 2.48 28.79
CA GLU A 274 6.19 1.26 28.82
CA GLU A 274 6.28 1.21 28.79
C GLU A 274 5.79 0.87 27.39
N ARG A 275 5.67 -0.44 27.14
CA ARG A 275 4.93 -0.90 25.99
C ARG A 275 3.44 -0.72 26.28
N PHE A 276 2.65 -0.63 25.22
CA PHE A 276 1.23 -0.30 25.35
C PHE A 276 0.34 -0.94 24.29
N VAL A 277 0.92 -1.60 23.28
CA VAL A 277 0.13 -2.23 22.22
C VAL A 277 1.00 -3.28 21.54
N GLU A 278 0.36 -4.31 20.99
CA GLU A 278 1.10 -5.28 20.20
C GLU A 278 1.65 -4.62 18.95
N GLU A 279 2.94 -4.80 18.69
CA GLU A 279 3.57 -4.11 17.56
C GLU A 279 3.12 -4.61 16.21
N LEU A 280 2.53 -5.82 16.16
CA LEU A 280 2.03 -6.41 14.93
C LEU A 280 0.52 -6.47 14.91
N GLU A 281 -0.13 -5.62 15.68
CA GLU A 281 -1.56 -5.38 15.51
C GLU A 281 -1.83 -4.65 14.18
N ARG A 282 -3.12 -4.50 13.90
CA ARG A 282 -3.64 -3.74 12.79
C ARG A 282 -3.25 -2.26 12.90
N ARG A 283 -3.21 -1.59 11.74
CA ARG A 283 -2.83 -0.18 11.72
C ARG A 283 -3.80 0.70 12.50
N ASP A 284 -5.10 0.44 12.38
CA ASP A 284 -6.08 1.22 13.13
C ASP A 284 -5.93 1.03 14.63
N VAL A 285 -5.77 -0.22 15.07
CA VAL A 285 -5.60 -0.51 16.48
C VAL A 285 -4.37 0.20 17.03
N ILE A 286 -3.24 0.10 16.33
CA ILE A 286 -2.02 0.74 16.82
C ILE A 286 -2.16 2.26 16.80
N SER A 287 -2.76 2.81 15.74
CA SER A 287 -2.91 4.26 15.68
C SER A 287 -3.74 4.76 16.84
N HIS A 288 -4.87 4.12 17.11
CA HIS A 288 -5.72 4.51 18.23
CA HIS A 288 -5.71 4.54 18.23
C HIS A 288 -4.94 4.44 19.54
N ALA A 289 -4.15 3.39 19.72
CA ALA A 289 -3.39 3.24 20.94
C ALA A 289 -2.36 4.34 21.11
N ILE A 290 -1.64 4.68 20.03
CA ILE A 290 -0.63 5.74 20.14
C ILE A 290 -1.29 7.06 20.50
N LEU A 291 -2.43 7.37 19.88
CA LEU A 291 -3.11 8.63 20.15
C LEU A 291 -3.55 8.74 21.59
N ALA A 292 -3.72 7.62 22.27
CA ALA A 292 -4.08 7.58 23.68
C ALA A 292 -2.89 7.68 24.64
N GLN A 293 -1.66 7.66 24.13
CA GLN A 293 -0.49 7.74 24.99
C GLN A 293 -0.16 9.20 25.28
N PRO A 294 0.68 9.47 26.29
CA PRO A 294 1.03 10.87 26.59
C PRO A 294 1.61 11.58 25.38
N GLY A 295 1.04 12.74 25.07
CA GLY A 295 1.48 13.51 23.94
C GLY A 295 1.01 13.02 22.58
N ARG A 296 0.30 11.89 22.53
CA ARG A 296 -0.22 11.33 21.29
C ARG A 296 0.90 10.81 20.37
N TYR A 297 2.04 10.45 20.95
CA TYR A 297 3.17 9.91 20.20
C TYR A 297 3.71 8.65 20.88
N THR A 298 4.56 7.97 20.14
CA THR A 298 5.31 6.81 20.63
C THR A 298 6.76 6.94 20.22
N TYR A 299 7.59 6.15 20.88
CA TYR A 299 8.94 5.88 20.38
C TYR A 299 8.94 4.49 19.77
N VAL A 300 9.86 4.31 18.82
CA VAL A 300 10.15 3.02 18.19
C VAL A 300 11.61 2.75 18.50
N LEU A 301 11.89 1.62 19.15
CA LEU A 301 13.22 1.30 19.66
C LEU A 301 13.68 -0.03 19.09
N TRP A 302 14.90 -0.06 18.54
CA TRP A 302 15.48 -1.29 18.05
C TRP A 302 16.99 -1.21 18.10
N ASN A 303 17.65 -2.32 17.78
CA ASN A 303 19.09 -2.43 17.96
C ASN A 303 19.76 -2.94 16.69
N GLN A 304 21.09 -3.01 16.78
CA GLN A 304 21.88 -3.49 15.66
C GLN A 304 21.50 -4.92 15.29
N ASP A 305 21.16 -5.75 16.27
CA ASP A 305 20.74 -7.12 15.96
C ASP A 305 19.57 -7.11 14.99
N ILE A 306 18.58 -6.22 15.21
CA ILE A 306 17.42 -6.12 14.33
C ILE A 306 17.82 -5.54 12.98
N GLU A 307 18.65 -4.50 12.95
CA GLU A 307 19.11 -3.96 11.68
C GLU A 307 19.82 -5.01 10.85
N ASN A 308 20.55 -5.91 11.50
CA ASN A 308 21.28 -6.95 10.77
C ASN A 308 20.35 -7.92 10.04
N VAL A 309 19.09 -8.00 10.45
CA VAL A 309 18.09 -8.82 9.77
C VAL A 309 17.25 -7.97 8.83
N ALA A 310 16.82 -6.79 9.28
CA ALA A 310 15.81 -5.98 8.59
C ALA A 310 16.40 -5.04 7.55
N HIS A 311 17.55 -4.41 7.85
CA HIS A 311 18.27 -3.50 6.96
C HIS A 311 17.52 -2.21 6.68
N THR A 312 16.59 -1.81 7.53
CA THR A 312 15.77 -0.64 7.22
C THR A 312 16.54 0.66 7.41
N VAL A 313 17.57 0.69 8.25
CA VAL A 313 18.38 1.90 8.34
C VAL A 313 19.24 2.04 7.08
N GLU A 314 19.90 0.96 6.68
CA GLU A 314 20.66 0.96 5.44
C GLU A 314 19.84 1.42 4.26
N MET A 315 18.59 0.98 4.17
CA MET A 315 17.77 1.23 3.01
CA MET A 315 17.82 1.25 2.97
C MET A 315 17.12 2.61 2.97
N HIS A 316 17.07 3.33 4.10
CA HIS A 316 16.33 4.59 4.16
C HIS A 316 17.21 5.69 4.77
N GLN A 317 18.35 5.92 4.12
CA GLN A 317 19.34 6.89 4.62
C GLN A 317 18.84 8.32 4.58
N GLY A 318 17.96 8.66 3.63
CA GLY A 318 17.38 10.00 3.62
C GLY A 318 16.56 10.27 4.86
N GLU A 319 15.72 9.30 5.23
CA GLU A 319 14.96 9.43 6.49
C GLU A 319 15.91 9.50 7.68
N LEU A 320 16.91 8.61 7.74
CA LEU A 320 17.84 8.66 8.86
C LEU A 320 18.41 10.05 9.02
N LYS A 321 18.92 10.61 7.92
CA LYS A 321 19.59 11.92 8.00
C LYS A 321 18.62 13.00 8.44
N GLU A 322 17.41 13.02 7.88
CA GLU A 322 16.46 14.08 8.17
CA GLU A 322 16.47 14.09 8.17
C GLU A 322 15.93 13.97 9.59
N PHE A 323 15.49 12.78 9.99
CA PHE A 323 15.01 12.61 11.36
CA PHE A 323 15.00 12.61 11.36
C PHE A 323 16.11 12.91 12.37
N THR A 324 17.34 12.50 12.08
CA THR A 324 18.44 12.77 13.00
C THR A 324 18.69 14.27 13.11
N LYS A 325 18.76 14.97 11.97
CA LYS A 325 18.98 16.42 11.99
C LYS A 325 17.91 17.12 12.81
N ASP A 326 16.67 16.66 12.70
CA ASP A 326 15.53 17.30 13.35
C ASP A 326 15.35 16.86 14.80
N GLY A 327 16.25 16.01 15.33
CA GLY A 327 16.09 15.60 16.72
C GLY A 327 14.94 14.65 16.95
N LEU A 328 14.52 13.95 15.91
CA LEU A 328 13.42 12.99 15.99
C LEU A 328 13.90 11.55 16.00
N MET A 329 15.20 11.32 15.83
CA MET A 329 15.79 10.01 15.92
C MET A 329 17.20 10.17 16.45
N TYR A 330 17.66 9.18 17.20
CA TYR A 330 18.99 9.08 17.75
C TYR A 330 19.52 7.67 17.59
N LYS A 331 20.83 7.58 17.42
CA LYS A 331 21.58 6.34 17.54
C LYS A 331 22.45 6.47 18.78
N VAL A 332 22.35 5.51 19.68
CA VAL A 332 23.02 5.54 20.98
C VAL A 332 23.60 4.16 21.30
N ASP A 333 24.57 4.16 22.22
CA ASP A 333 25.22 2.90 22.56
C ASP A 333 24.43 2.06 23.57
N THR A 334 23.67 2.69 24.48
CA THR A 334 23.08 1.99 25.61
C THR A 334 21.60 2.38 25.79
N LEU A 335 20.87 1.50 26.46
CA LEU A 335 19.48 1.78 26.79
C LEU A 335 19.33 3.01 27.65
N GLU A 336 20.26 3.21 28.60
CA GLU A 336 20.20 4.39 29.44
C GLU A 336 20.27 5.66 28.60
N GLU A 337 21.13 5.66 27.57
N GLU A 337 21.13 5.67 27.58
CA GLU A 337 21.23 6.82 26.68
CA GLU A 337 21.21 6.82 26.69
C GLU A 337 19.97 6.97 25.83
C GLU A 337 19.94 6.97 25.86
N ALA A 338 19.37 5.86 25.40
CA ALA A 338 18.13 5.93 24.63
C ALA A 338 17.02 6.56 25.46
N ALA A 339 16.97 6.24 26.75
CA ALA A 339 15.99 6.86 27.62
C ALA A 339 16.28 8.34 27.75
N LYS A 340 17.53 8.70 28.01
N LYS A 340 17.53 8.70 28.01
CA LYS A 340 17.87 10.09 28.29
CA LYS A 340 17.87 10.09 28.29
C LYS A 340 17.57 11.01 27.11
C LYS A 340 17.60 11.01 27.11
N VAL A 341 17.88 10.57 25.88
CA VAL A 341 17.72 11.46 24.73
C VAL A 341 16.28 11.88 24.53
N PHE A 342 15.31 11.08 25.01
CA PHE A 342 13.90 11.39 24.84
C PHE A 342 13.15 11.52 26.17
N ASN A 343 13.88 11.76 27.26
CA ASN A 343 13.26 12.09 28.55
C ASN A 343 12.41 10.94 29.09
N ILE A 344 12.77 9.71 28.76
CA ILE A 344 12.04 8.53 29.21
C ILE A 344 12.58 8.14 30.58
N PRO A 345 11.73 7.83 31.56
CA PRO A 345 12.26 7.37 32.86
C PRO A 345 13.11 6.12 32.68
N GLU A 346 14.34 6.19 33.18
CA GLU A 346 15.31 5.15 32.92
C GLU A 346 14.90 3.83 33.57
N ASP A 347 14.49 3.85 34.84
CA ASP A 347 14.15 2.61 35.52
CA ASP A 347 14.15 2.61 35.52
C ASP A 347 13.01 1.88 34.81
N LYS A 348 12.02 2.62 34.35
CA LYS A 348 10.85 2.03 33.66
C LYS A 348 11.30 1.43 32.33
N LEU A 349 12.09 2.15 31.53
CA LEU A 349 12.54 1.58 30.27
C LEU A 349 13.34 0.29 30.51
N LEU A 350 14.25 0.32 31.49
CA LEU A 350 15.06 -0.87 31.73
C LEU A 350 14.20 -2.05 32.18
N SER A 351 13.18 -1.81 33.00
CA SER A 351 12.28 -2.87 33.41
CA SER A 351 12.29 -2.89 33.40
C SER A 351 11.48 -3.41 32.22
N THR A 352 10.97 -2.51 31.37
CA THR A 352 10.26 -2.96 30.18
C THR A 352 11.15 -3.84 29.32
N ILE A 353 12.39 -3.42 29.12
CA ILE A 353 13.28 -4.19 28.26
C ILE A 353 13.69 -5.51 28.91
N LYS A 354 13.85 -5.53 30.24
CA LYS A 354 14.06 -6.81 30.92
C LYS A 354 12.92 -7.77 30.61
N ASP A 355 11.68 -7.27 30.65
CA ASP A 355 10.53 -8.11 30.30
C ASP A 355 10.62 -8.56 28.84
N VAL A 356 10.89 -7.62 27.92
CA VAL A 356 11.00 -7.96 26.49
C VAL A 356 12.01 -9.07 26.28
N ASN A 357 13.17 -8.97 26.96
CA ASN A 357 14.22 -9.95 26.77
C ASN A 357 13.76 -11.33 27.24
N HIS A 358 13.02 -11.37 28.35
CA HIS A 358 12.45 -12.62 28.82
C HIS A 358 11.41 -13.16 27.85
N TYR A 359 10.50 -12.31 27.39
CA TYR A 359 9.48 -12.73 26.43
C TYR A 359 10.11 -13.19 25.13
N ALA A 360 11.23 -12.58 24.73
CA ALA A 360 11.92 -13.02 23.53
C ALA A 360 12.49 -14.42 23.71
N ALA A 361 13.04 -14.70 24.90
CA ALA A 361 13.64 -16.00 25.15
C ALA A 361 12.59 -17.10 25.22
N THR A 362 11.43 -16.82 25.81
CA THR A 362 10.39 -17.82 25.92
C THR A 362 9.48 -17.88 24.71
N GLY A 363 9.46 -16.84 23.89
CA GLY A 363 8.53 -16.72 22.80
C GLY A 363 7.13 -16.32 23.21
N LYS A 364 6.92 -15.98 24.49
CA LYS A 364 5.59 -15.66 25.02
C LYS A 364 5.60 -14.24 25.56
N ASP A 365 5.01 -13.32 24.81
CA ASP A 365 4.90 -11.92 25.20
C ASP A 365 3.69 -11.83 26.12
N GLU A 366 3.95 -11.88 27.43
CA GLU A 366 2.86 -11.88 28.40
C GLU A 366 2.13 -10.56 28.43
N ALA A 367 2.76 -9.47 27.96
CA ALA A 367 2.11 -8.17 28.02
C ALA A 367 1.15 -7.95 26.86
N PHE A 368 1.60 -8.21 25.60
CA PHE A 368 0.80 -7.87 24.42
C PHE A 368 0.71 -8.97 23.38
N ASN A 369 1.18 -10.19 23.66
CA ASN A 369 0.94 -11.34 22.78
CA ASN A 369 0.97 -11.35 22.79
C ASN A 369 1.51 -11.15 21.37
N HIS A 370 2.66 -10.49 21.26
CA HIS A 370 3.33 -10.32 19.97
C HIS A 370 3.25 -11.59 19.14
N ARG A 371 2.66 -11.50 17.96
CA ARG A 371 2.28 -12.69 17.22
C ARG A 371 3.43 -13.38 16.52
N SER A 372 4.59 -12.76 16.36
CA SER A 372 5.77 -13.38 15.76
CA SER A 372 5.73 -13.45 15.78
C SER A 372 6.81 -13.79 16.80
N GLY A 373 6.91 -13.01 17.87
CA GLY A 373 7.88 -13.24 18.94
C GLY A 373 8.82 -12.05 19.02
N LEU A 374 9.06 -11.61 20.25
CA LEU A 374 9.95 -10.48 20.46
C LEU A 374 11.40 -10.93 20.26
N VAL A 375 12.28 -9.92 20.18
CA VAL A 375 13.70 -10.08 19.92
C VAL A 375 14.48 -9.45 21.06
N ASP A 376 15.52 -10.13 21.53
CA ASP A 376 16.33 -9.62 22.62
C ASP A 376 16.89 -8.23 22.27
N LEU A 377 16.81 -7.32 23.24
CA LEU A 377 17.27 -5.94 23.09
C LEU A 377 18.34 -5.60 24.12
N SER A 378 19.06 -6.60 24.63
CA SER A 378 20.07 -6.34 25.66
C SER A 378 21.36 -5.73 25.13
N LYS A 379 21.65 -5.82 23.83
CA LYS A 379 22.86 -5.28 23.23
C LYS A 379 22.55 -4.13 22.30
N GLY A 380 23.34 -3.08 22.38
CA GLY A 380 23.28 -1.99 21.45
C GLY A 380 24.25 -2.20 20.30
N PRO A 381 24.45 -1.17 19.48
CA PRO A 381 23.79 0.13 19.60
C PRO A 381 22.31 0.06 19.25
N TYR A 382 21.64 1.16 19.57
CA TYR A 382 20.19 1.30 19.43
C TYR A 382 19.85 2.51 18.56
N TRP A 383 18.75 2.40 17.83
CA TRP A 383 18.07 3.55 17.26
C TRP A 383 16.76 3.74 18.00
N ILE A 384 16.40 5.00 18.22
CA ILE A 384 15.12 5.35 18.81
C ILE A 384 14.54 6.52 18.03
N LEU A 385 13.30 6.37 17.60
CA LEU A 385 12.60 7.31 16.73
C LEU A 385 11.29 7.72 17.39
N LYS A 386 10.95 9.00 17.31
CA LYS A 386 9.65 9.53 17.76
C LYS A 386 8.67 9.54 16.59
N ALA A 387 7.45 9.07 16.81
CA ALA A 387 6.48 8.93 15.74
C ALA A 387 5.05 9.14 16.25
N THR A 388 4.16 9.42 15.31
CA THR A 388 2.74 9.56 15.61
C THR A 388 1.96 9.07 14.38
N PRO A 389 0.69 8.74 14.52
CA PRO A 389 -0.06 8.31 13.33
C PRO A 389 -0.42 9.46 12.43
N SER A 390 -0.69 9.16 11.15
CA SER A 390 -1.26 10.14 10.26
C SER A 390 -2.12 9.48 9.20
N VAL A 391 -3.15 10.20 8.76
CA VAL A 391 -4.06 9.71 7.74
C VAL A 391 -3.34 9.52 6.42
N HIS A 392 -3.49 8.32 5.83
CA HIS A 392 -2.77 7.99 4.61
C HIS A 392 -3.55 7.22 3.54
N HIS A 393 -4.54 6.41 3.86
CA HIS A 393 -5.07 5.50 2.84
C HIS A 393 -6.59 5.44 2.90
N THR A 394 -7.23 5.48 1.73
CA THR A 394 -8.67 5.35 1.63
C THR A 394 -9.05 3.90 1.36
N MET A 395 -10.00 3.35 2.13
CA MET A 395 -10.46 1.97 1.93
CA MET A 395 -10.43 1.98 1.89
C MET A 395 -11.61 1.86 0.94
N GLY A 396 -12.32 2.94 0.69
CA GLY A 396 -13.50 2.90 -0.14
C GLY A 396 -13.18 3.29 -1.58
N GLY A 397 -14.17 3.09 -2.44
CA GLY A 397 -14.03 3.38 -3.84
C GLY A 397 -15.05 2.63 -4.67
N LEU A 398 -14.70 2.44 -5.93
CA LEU A 398 -15.63 1.89 -6.89
C LEU A 398 -15.97 0.43 -6.62
N VAL A 399 -17.20 0.08 -6.96
CA VAL A 399 -17.70 -1.29 -6.94
C VAL A 399 -17.39 -1.95 -8.27
N VAL A 400 -16.70 -3.08 -8.19
CA VAL A 400 -16.36 -3.91 -9.34
C VAL A 400 -16.73 -5.35 -9.00
N ASP A 401 -16.83 -6.19 -10.03
CA ASP A 401 -16.84 -7.63 -9.82
C ASP A 401 -15.40 -8.18 -9.88
N THR A 402 -15.24 -9.49 -9.71
CA THR A 402 -13.89 -10.08 -9.70
C THR A 402 -13.25 -10.12 -11.08
N ARG A 403 -14.02 -9.75 -12.12
CA ARG A 403 -13.48 -9.53 -13.46
C ARG A 403 -13.10 -8.07 -13.72
N THR A 404 -13.16 -7.23 -12.69
CA THR A 404 -12.86 -5.80 -12.69
C THR A 404 -13.89 -4.96 -13.41
N ARG A 405 -15.02 -5.54 -13.81
CA ARG A 405 -16.06 -4.77 -14.45
C ARG A 405 -16.70 -3.85 -13.43
N VAL A 406 -16.83 -2.57 -13.78
CA VAL A 406 -17.47 -1.60 -12.90
C VAL A 406 -18.98 -1.81 -12.92
N LEU A 407 -19.57 -1.78 -11.74
CA LEU A 407 -21.01 -1.98 -11.57
C LEU A 407 -21.72 -0.69 -11.25
N ASP A 408 -22.95 -0.58 -11.76
CA ASP A 408 -23.79 0.59 -11.50
C ASP A 408 -24.54 0.41 -10.19
N GLU A 409 -25.41 1.38 -9.89
CA GLU A 409 -26.11 1.40 -8.61
CA GLU A 409 -26.08 1.37 -8.61
C GLU A 409 -27.09 0.25 -8.47
N GLN A 410 -27.48 -0.40 -9.58
CA GLN A 410 -28.33 -1.59 -9.52
C GLN A 410 -27.52 -2.88 -9.56
N GLY A 411 -26.19 -2.78 -9.52
CA GLY A 411 -25.34 -3.95 -9.58
C GLY A 411 -25.10 -4.49 -10.97
N LYS A 412 -25.47 -3.75 -12.01
CA LYS A 412 -25.32 -4.17 -13.40
C LYS A 412 -23.99 -3.68 -13.97
N VAL A 413 -23.36 -4.53 -14.77
CA VAL A 413 -22.12 -4.16 -15.43
C VAL A 413 -22.32 -2.93 -16.32
N ILE A 414 -21.36 -2.00 -16.25
CA ILE A 414 -21.28 -0.89 -17.18
C ILE A 414 -20.35 -1.31 -18.32
N PRO A 415 -20.87 -1.60 -19.52
CA PRO A 415 -20.03 -2.23 -20.53
C PRO A 415 -18.84 -1.36 -20.91
N GLY A 416 -17.68 -2.01 -21.11
CA GLY A 416 -16.50 -1.32 -21.55
C GLY A 416 -15.71 -0.63 -20.47
N LEU A 417 -16.15 -0.71 -19.22
CA LEU A 417 -15.52 0.01 -18.13
C LEU A 417 -15.00 -0.95 -17.07
N PHE A 418 -13.72 -0.83 -16.74
CA PHE A 418 -13.05 -1.69 -15.78
C PHE A 418 -12.34 -0.79 -14.79
N ALA A 419 -12.10 -1.29 -13.58
CA ALA A 419 -11.35 -0.54 -12.59
C ALA A 419 -10.53 -1.49 -11.74
N ALA A 420 -9.34 -1.03 -11.35
CA ALA A 420 -8.42 -1.88 -10.63
C ALA A 420 -7.54 -1.04 -9.71
N GLY A 421 -7.22 -1.61 -8.56
CA GLY A 421 -6.27 -1.02 -7.64
C GLY A 421 -6.91 -0.18 -6.57
N GLU A 422 -6.16 0.80 -6.09
CA GLU A 422 -6.58 1.58 -4.93
C GLU A 422 -7.78 2.50 -5.21
N VAL A 423 -8.27 2.58 -6.45
CA VAL A 423 -9.53 3.27 -6.76
C VAL A 423 -10.74 2.41 -6.38
N THR A 424 -10.58 1.09 -6.25
CA THR A 424 -11.70 0.20 -5.95
C THR A 424 -11.89 0.10 -4.44
N GLY A 425 -13.11 -0.29 -4.03
CA GLY A 425 -13.47 -0.23 -2.62
C GLY A 425 -13.97 -1.51 -1.98
N LEU A 426 -13.62 -2.67 -2.53
CA LEU A 426 -14.20 -3.95 -2.08
C LEU A 426 -13.19 -4.96 -1.53
N THR A 427 -11.92 -4.64 -1.44
CA THR A 427 -10.93 -5.62 -1.01
C THR A 427 -10.64 -5.57 0.48
N HIS A 428 -10.44 -4.37 1.01
CA HIS A 428 -9.77 -4.22 2.31
C HIS A 428 -10.72 -4.02 3.48
N GLY A 429 -12.03 -3.99 3.25
CA GLY A 429 -12.95 -3.79 4.36
C GLY A 429 -12.70 -2.47 5.06
N THR A 430 -12.75 -2.50 6.40
CA THR A 430 -12.57 -1.29 7.19
C THR A 430 -11.12 -0.91 7.32
N ASN A 431 -10.18 -1.79 6.97
CA ASN A 431 -8.79 -1.63 7.41
C ASN A 431 -7.90 -2.53 6.56
N ARG A 432 -7.11 -1.89 5.72
N ARG A 432 -7.10 -1.91 5.70
CA ARG A 432 -6.13 -2.57 4.88
CA ARG A 432 -6.18 -2.64 4.84
C ARG A 432 -4.98 -3.12 5.71
C ARG A 432 -4.95 -3.09 5.63
N LEU A 433 -4.50 -4.31 5.35
CA LEU A 433 -3.26 -4.81 5.92
C LEU A 433 -2.08 -4.37 5.07
N GLY A 434 -0.95 -4.10 5.74
CA GLY A 434 0.26 -3.80 5.02
C GLY A 434 0.59 -4.92 4.05
N GLY A 435 1.11 -4.53 2.89
CA GLY A 435 1.49 -5.44 1.84
C GLY A 435 0.35 -5.88 0.94
N ASN A 436 -0.90 -5.69 1.36
CA ASN A 436 -2.02 -6.18 0.55
C ASN A 436 -2.41 -5.25 -0.58
N ALA A 437 -2.12 -3.95 -0.48
CA ALA A 437 -2.46 -3.11 -1.62
C ALA A 437 -1.67 -3.54 -2.84
N TYR A 438 -0.36 -3.86 -2.68
CA TYR A 438 0.40 -4.27 -3.88
C TYR A 438 -0.18 -5.57 -4.44
N THR A 439 -0.57 -6.54 -3.60
CA THR A 439 -1.12 -7.77 -4.16
C THR A 439 -2.37 -7.44 -4.97
N ASP A 440 -3.25 -6.60 -4.41
CA ASP A 440 -4.48 -6.18 -5.08
CA ASP A 440 -4.48 -6.21 -5.09
C ASP A 440 -4.20 -5.49 -6.41
N ILE A 441 -3.31 -4.51 -6.42
CA ILE A 441 -3.14 -3.70 -7.63
C ILE A 441 -2.59 -4.52 -8.78
N ILE A 442 -1.67 -5.44 -8.50
CA ILE A 442 -1.09 -6.24 -9.58
C ILE A 442 -2.08 -7.30 -10.06
N VAL A 443 -2.69 -8.02 -9.12
CA VAL A 443 -3.67 -9.05 -9.52
C VAL A 443 -4.78 -8.43 -10.36
N TYR A 444 -5.41 -7.36 -9.85
CA TYR A 444 -6.56 -6.78 -10.53
C TYR A 444 -6.16 -5.92 -11.71
N GLY A 445 -5.00 -5.27 -11.67
CA GLY A 445 -4.55 -4.58 -12.86
C GLY A 445 -4.37 -5.54 -14.01
N ARG A 446 -3.75 -6.69 -13.76
CA ARG A 446 -3.60 -7.69 -14.83
C ARG A 446 -4.96 -8.12 -15.36
N ILE A 447 -5.89 -8.45 -14.46
CA ILE A 447 -7.23 -8.88 -14.88
C ILE A 447 -7.91 -7.80 -15.71
N ALA A 448 -7.80 -6.54 -15.30
CA ALA A 448 -8.44 -5.45 -16.03
C ALA A 448 -7.90 -5.35 -17.45
N GLY A 449 -6.58 -5.48 -17.61
CA GLY A 449 -6.04 -5.41 -18.96
C GLY A 449 -6.45 -6.60 -19.82
N GLN A 450 -6.51 -7.78 -19.21
CA GLN A 450 -6.96 -8.98 -19.92
C GLN A 450 -8.41 -8.85 -20.33
N GLU A 451 -9.25 -8.38 -19.40
CA GLU A 451 -10.67 -8.25 -19.69
C GLU A 451 -10.94 -7.14 -20.69
N ALA A 452 -10.28 -6.00 -20.57
CA ALA A 452 -10.48 -4.96 -21.57
C ALA A 452 -10.02 -5.43 -22.93
N ALA A 453 -8.92 -6.21 -22.99
CA ALA A 453 -8.40 -6.65 -24.29
C ALA A 453 -9.33 -7.62 -24.99
N LYS A 454 -10.10 -8.42 -24.24
CA LYS A 454 -11.01 -9.36 -24.85
C LYS A 454 -12.40 -8.80 -25.08
N HIS A 455 -12.72 -7.64 -24.51
CA HIS A 455 -14.02 -7.05 -24.71
C HIS A 455 -14.20 -6.69 -26.18
N HIS A 456 -15.41 -6.89 -26.70
CA HIS A 456 -15.61 -6.76 -28.14
C HIS A 456 -15.39 -5.33 -28.63
N HIS A 457 -14.88 -5.24 -29.86
CA HIS A 457 -14.62 -3.96 -30.51
C HIS A 457 -15.91 -3.18 -30.73
N HIS A 458 -15.85 -1.87 -30.44
CA HIS A 458 -16.95 -0.95 -30.62
C HIS A 458 -17.08 -0.55 -32.08
N HIS A 459 -18.16 -0.96 -32.71
CA HIS A 459 -18.45 -0.58 -34.09
C HIS A 459 -19.36 0.64 -34.14
PB ADP B . -2.61 2.14 -7.74
O1B ADP B . -4.06 1.80 -7.60
O2B ADP B . -1.80 1.71 -6.51
O3B ADP B . -1.90 1.70 -8.98
PA ADP B . -1.34 4.78 -7.74
O1A ADP B . -1.62 5.88 -6.77
O2A ADP B . -0.06 4.05 -7.59
O3A ADP B . -2.60 3.77 -7.67
O5' ADP B . -1.41 5.33 -9.23
C5' ADP B . -2.57 6.06 -9.65
C4' ADP B . -2.10 7.06 -10.69
O4' ADP B . -3.29 7.60 -11.31
C3' ADP B . -1.31 8.23 -10.13
O3' ADP B . -0.04 8.38 -10.77
C2' ADP B . -2.23 9.42 -10.35
O2' ADP B . -1.58 10.67 -10.58
C1' ADP B . -3.05 8.96 -11.56
N9 ADP B . -4.29 9.69 -11.74
C8 ADP B . -5.14 10.09 -10.76
N7 ADP B . -6.17 10.79 -11.26
C5 ADP B . -5.95 10.83 -12.61
C6 ADP B . -6.66 11.45 -13.70
N6 ADP B . -7.75 12.18 -13.50
N1 ADP B . -6.15 11.26 -14.95
C2 ADP B . -5.01 10.56 -15.12
N3 ADP B . -4.26 10.01 -14.17
C4 ADP B . -4.75 10.13 -12.92
H5'1 ADP B . -3.32 5.39 -10.06
H5'2 ADP B . -3.02 6.59 -8.79
H4' ADP B . -1.44 6.53 -11.39
H3' ADP B . -1.05 8.11 -9.06
HO3' ADP B . 0.35 9.22 -10.52
H2' ADP B . -2.81 9.66 -9.45
HO2' ADP B . -1.40 11.10 -9.73
H1' ADP B . -2.48 9.16 -12.48
H8 ADP B . -5.02 9.86 -9.70
HN61 ADP B . -8.25 12.55 -14.29
HN62 ADP B . -8.07 12.36 -12.56
H2 ADP B . -4.67 10.42 -16.14
CL CL C . 1.42 -2.60 9.13
CL CL D . -0.53 0.42 2.26
CL CL E . 15.16 7.49 2.75
CL CL F . -18.41 4.02 4.54
CL CL G . -2.65 -23.01 -0.04
C1 GOL H . 3.91 -2.19 1.33
O1 GOL H . 3.41 -2.50 0.06
C2 GOL H . 3.06 -1.08 1.95
O2 GOL H . 1.81 -1.64 2.33
C3 GOL H . 3.84 -0.52 3.17
O3 GOL H . 4.94 0.26 2.74
H11 GOL H . 4.83 -1.88 1.29
H12 GOL H . 3.91 -2.95 1.92
HO1 GOL H . 3.65 -3.29 -0.11
H2 GOL H . 2.90 -0.35 1.33
HO2 GOL H . 1.21 -1.05 2.21
H31 GOL H . 4.11 -1.29 3.72
H32 GOL H . 3.22 -0.03 3.73
HO3 GOL H . 5.65 -0.10 3.06
C1 GOL I . 23.90 -13.03 12.13
O1 GOL I . 23.07 -13.98 12.69
C2 GOL I . 23.08 -12.18 11.12
O2 GOL I . 22.02 -11.49 11.73
C3 GOL I . 24.11 -11.24 10.45
O3 GOL I . 24.69 -10.43 11.46
H11 GOL I . 24.66 -13.43 11.66
H12 GOL I . 24.29 -12.43 12.79
HO1 GOL I . 23.53 -14.42 13.25
H2 GOL I . 22.65 -12.76 10.48
HO2 GOL I . 21.45 -11.30 11.12
H31 GOL I . 23.65 -10.72 9.76
H32 GOL I . 24.76 -11.78 9.98
HO3 GOL I . 24.14 -10.42 12.10
C1 GOL J . 3.30 -13.54 -20.91
O1 GOL J . 3.59 -12.95 -22.11
C2 GOL J . 2.14 -12.69 -20.31
O2 GOL J . 1.93 -12.94 -18.99
C3 GOL J . 2.50 -11.23 -20.59
O3 GOL J . 1.86 -10.40 -19.67
H11 GOL J . 4.06 -13.54 -20.29
H12 GOL J . 3.02 -14.46 -20.99
HO1 GOL J . 4.24 -13.39 -22.45
H2 GOL J . 1.30 -12.92 -20.73
HO2 GOL J . 2.18 -13.74 -18.84
H31 GOL J . 2.25 -11.04 -21.50
H32 GOL J . 3.47 -11.15 -20.55
HO3 GOL J . 1.27 -10.87 -19.28
#